data_4CQS
#
_entry.id   4CQS
#
_cell.length_a   101.201
_cell.length_b   101.201
_cell.length_c   451.666
_cell.angle_alpha   90.00
_cell.angle_beta   90.00
_cell.angle_gamma   120.00
#
_symmetry.space_group_name_H-M   'H 3 2'
#
loop_
_entity.id
_entity.type
_entity.pdbx_description
1 polymer 'Hemagglutinin HA1'
2 polymer 'Hemagglutinin HA2'
3 branched 2-acetamido-2-deoxy-beta-D-glucopyranose-(1-4)-2-acetamido-2-deoxy-beta-D-glucopyranose
4 branched beta-D-mannopyranose-(1-3)-[alpha-D-mannopyranose-(1-6)]alpha-D-mannopyranose-(1-4)-2-acetamido-2-deoxy-beta-D-glucopyranose-(1-4)-2-acetamido-2-deoxy-beta-D-glucopyranose
5 branched beta-D-mannopyranose-(1-4)-2-acetamido-2-deoxy-beta-D-glucopyranose-(1-4)-2-acetamido-2-deoxy-beta-D-glucopyranose
6 non-polymer 2-acetamido-2-deoxy-beta-D-glucopyranose
7 non-polymer '3[N-MORPHOLINO]PROPANE SULFONIC ACID'
8 water water
#
loop_
_entity_poly.entity_id
_entity_poly.type
_entity_poly.pdbx_seq_one_letter_code
_entity_poly.pdbx_strand_id
1 'polypeptide(L)'
;DQICIGYHANNSTEQVDTIMEKNVTVTHAQDILEKTHNGKLCDLDGVKPLILRDCSVAGWLLGNPMCDEFINVPEWSYIV
EKANPVNDLCYPGDFNDYEELKHLLSRINHFEKIQIIPKSSWSSHEASLGVSSACPYQGKSSFFRNVVWLIKKNSTYPTI
KRSYNNTNQEDLLVLWGIHHPKDAAEQTKLYQNPTTYISVGTSTLNQRLVPRIATRSKVNGQSGRMEFFWTILKPNDAIN
FESNGNFIAPEYAYKIVKKGDSTIMKSELEYGNCNTKCQTPMGAINSSMPFHNIHPLTIGECPKYVKSNRLVLATGLRNS
PQRETR
;
A
2 'polypeptide(L)'
;GLFGAIAGFIEGGWQGMVDGWYGYHHSNEQGSGYAADKESTQKAIDGVTNKVNSIIDKMNTQFEAVGREFNNLERRIENL
NKKMEDGFLDVWTYNAELLVLMENERTLDFHDSNVKNLYDKVRLQLRDNAKELGNGCFEFYHKCDNECMESVRNGTYDYP
QYSEEA
;
B
#
loop_
_chem_comp.id
_chem_comp.type
_chem_comp.name
_chem_comp.formula
BMA D-saccharide, beta linking beta-D-mannopyranose 'C6 H12 O6'
MAN D-saccharide, alpha linking alpha-D-mannopyranose 'C6 H12 O6'
MPO non-polymer '3[N-MORPHOLINO]PROPANE SULFONIC ACID' 'C7 H15 N O4 S'
NAG D-saccharide, beta linking 2-acetamido-2-deoxy-beta-D-glucopyranose 'C8 H15 N O6'
#
# COMPACT_ATOMS: atom_id res chain seq x y z
N ASP A 1 -3.75 -31.65 -55.27
CA ASP A 1 -2.80 -30.80 -54.52
C ASP A 1 -3.53 -29.60 -53.94
N GLN A 2 -3.20 -29.25 -52.69
CA GLN A 2 -3.87 -28.13 -52.04
C GLN A 2 -3.02 -27.35 -51.05
N ILE A 3 -3.46 -26.12 -50.80
CA ILE A 3 -2.88 -25.27 -49.77
C ILE A 3 -3.99 -24.74 -48.87
N CYS A 4 -3.77 -24.80 -47.57
CA CYS A 4 -4.78 -24.45 -46.57
C CYS A 4 -4.29 -23.32 -45.73
N ILE A 5 -5.22 -22.52 -45.23
CA ILE A 5 -4.90 -21.47 -44.25
C ILE A 5 -5.43 -21.90 -42.89
N GLY A 6 -4.63 -21.67 -41.85
CA GLY A 6 -5.00 -22.07 -40.50
C GLY A 6 -4.23 -21.34 -39.43
N TYR A 7 -4.47 -21.72 -38.19
CA TYR A 7 -3.95 -21.03 -37.04
C TYR A 7 -3.50 -22.00 -35.97
N HIS A 8 -2.73 -21.48 -35.03
CA HIS A 8 -2.07 -22.24 -33.98
C HIS A 8 -3.05 -22.86 -32.99
N ALA A 9 -2.70 -24.03 -32.48
CA ALA A 9 -3.37 -24.62 -31.32
C ALA A 9 -2.33 -25.29 -30.43
N ASN A 10 -2.68 -25.54 -29.18
CA ASN A 10 -1.76 -26.21 -28.26
C ASN A 10 -2.50 -26.89 -27.11
N ASN A 11 -1.76 -27.36 -26.11
CA ASN A 11 -2.36 -28.08 -24.97
C ASN A 11 -2.77 -27.17 -23.80
N SER A 12 -2.80 -25.85 -24.05
CA SER A 12 -3.13 -24.87 -23.02
C SER A 12 -4.57 -25.04 -22.53
N THR A 13 -4.73 -24.93 -21.21
CA THR A 13 -6.03 -24.93 -20.55
C THR A 13 -6.34 -23.57 -19.93
N GLU A 14 -5.46 -22.60 -20.13
CA GLU A 14 -5.67 -21.24 -19.64
C GLU A 14 -6.99 -20.68 -20.17
N GLN A 15 -7.75 -20.05 -19.30
CA GLN A 15 -9.06 -19.49 -19.64
C GLN A 15 -9.07 -17.98 -19.43
N VAL A 16 -9.85 -17.27 -20.23
CA VAL A 16 -10.05 -15.83 -20.05
C VAL A 16 -11.53 -15.55 -20.17
N ASP A 17 -11.98 -14.46 -19.57
CA ASP A 17 -13.36 -14.03 -19.68
C ASP A 17 -13.50 -12.88 -20.66
N THR A 18 -14.66 -12.83 -21.32
CA THR A 18 -15.07 -11.71 -22.15
C THR A 18 -16.49 -11.27 -21.77
N ILE A 19 -16.99 -10.21 -22.38
CA ILE A 19 -18.33 -9.70 -22.10
C ILE A 19 -19.42 -10.73 -22.44
N MET A 20 -19.30 -11.36 -23.60
CA MET A 20 -20.32 -12.28 -24.10
C MET A 20 -20.10 -13.73 -23.69
N GLU A 21 -18.90 -14.05 -23.19
CA GLU A 21 -18.56 -15.43 -22.90
C GLU A 21 -17.53 -15.51 -21.81
N LYS A 22 -17.70 -16.50 -20.95
CA LYS A 22 -16.81 -16.72 -19.83
C LYS A 22 -16.04 -18.02 -20.03
N ASN A 23 -14.87 -18.09 -19.42
CA ASN A 23 -14.07 -19.31 -19.43
C ASN A 23 -13.75 -19.81 -20.84
N VAL A 24 -13.26 -18.89 -21.67
CA VAL A 24 -12.81 -19.21 -23.03
C VAL A 24 -11.37 -19.72 -22.97
N THR A 25 -11.14 -20.91 -23.49
CA THR A 25 -9.81 -21.49 -23.45
C THR A 25 -8.96 -20.85 -24.54
N VAL A 26 -7.77 -20.39 -24.18
CA VAL A 26 -6.88 -19.73 -25.13
C VAL A 26 -5.49 -20.34 -25.13
N THR A 27 -4.79 -20.16 -26.23
CA THR A 27 -3.44 -20.71 -26.39
C THR A 27 -2.43 -20.04 -25.47
N HIS A 28 -2.57 -18.74 -25.27
CA HIS A 28 -1.69 -17.99 -24.38
C HIS A 28 -2.43 -16.90 -23.62
N ALA A 29 -2.02 -16.70 -22.37
CA ALA A 29 -2.60 -15.68 -21.50
C ALA A 29 -1.52 -15.03 -20.65
N GLN A 30 -1.89 -13.97 -19.97
CA GLN A 30 -0.97 -13.23 -19.10
C GLN A 30 -1.71 -12.75 -17.85
N ASP A 31 -1.39 -13.37 -16.73
CA ASP A 31 -1.90 -12.94 -15.44
C ASP A 31 -1.27 -11.59 -15.07
N ILE A 32 -2.07 -10.67 -14.56
CA ILE A 32 -1.59 -9.33 -14.21
C ILE A 32 -1.92 -8.94 -12.76
N LEU A 33 -2.37 -9.91 -11.96
CA LEU A 33 -2.78 -9.66 -10.57
C LEU A 33 -1.96 -10.52 -9.61
N GLU A 34 -1.19 -9.86 -8.75
CA GLU A 34 -0.41 -10.57 -7.73
C GLU A 34 -1.33 -10.94 -6.57
N LYS A 35 -1.40 -12.23 -6.28
CA LYS A 35 -2.27 -12.75 -5.23
C LYS A 35 -1.53 -13.22 -3.98
N THR A 36 -0.21 -13.38 -4.08
CA THR A 36 0.59 -13.90 -2.97
C THR A 36 1.47 -12.86 -2.29
N HIS A 37 1.75 -13.10 -1.02
CA HIS A 37 2.67 -12.29 -0.20
C HIS A 37 3.47 -13.23 0.73
N ASN A 38 4.48 -12.70 1.40
CA ASN A 38 5.37 -13.55 2.25
C ASN A 38 4.93 -13.64 3.71
N GLY A 39 3.91 -12.88 4.08
CA GLY A 39 3.27 -13.00 5.40
C GLY A 39 4.05 -12.38 6.53
N LYS A 40 5.02 -11.53 6.19
CA LYS A 40 5.98 -10.99 7.16
C LYS A 40 6.10 -9.48 7.11
N LEU A 41 6.52 -8.89 8.23
CA LEU A 41 6.93 -7.49 8.25
C LEU A 41 8.43 -7.41 8.05
N CYS A 42 8.86 -6.57 7.12
CA CYS A 42 10.23 -6.58 6.63
C CYS A 42 10.82 -5.19 6.56
N ASP A 43 12.15 -5.16 6.47
CA ASP A 43 12.84 -3.92 6.16
C ASP A 43 12.30 -3.42 4.83
N LEU A 44 12.08 -2.12 4.74
CA LEU A 44 11.72 -1.50 3.47
C LEU A 44 13.01 -0.99 2.86
N ASP A 45 13.51 -1.71 1.86
CA ASP A 45 14.66 -1.28 1.10
C ASP A 45 15.88 -1.07 2.01
N GLY A 46 16.10 -2.04 2.90
CA GLY A 46 17.21 -2.01 3.84
C GLY A 46 16.94 -1.35 5.17
N VAL A 47 15.90 -0.51 5.25
CA VAL A 47 15.61 0.30 6.45
C VAL A 47 14.51 -0.32 7.31
N LYS A 48 14.89 -0.92 8.43
CA LYS A 48 13.97 -1.62 9.34
C LYS A 48 12.83 -0.72 9.86
N PRO A 49 11.62 -1.28 10.03
CA PRO A 49 10.53 -0.50 10.64
C PRO A 49 10.69 -0.37 12.14
N LEU A 50 10.03 0.64 12.71
CA LEU A 50 9.85 0.74 14.15
C LEU A 50 8.65 -0.13 14.54
N ILE A 51 8.92 -1.21 15.25
CA ILE A 51 7.85 -2.13 15.67
C ILE A 51 7.57 -1.93 17.16
N LEU A 52 6.52 -1.17 17.46
CA LEU A 52 6.20 -0.78 18.84
C LEU A 52 5.76 -1.95 19.70
N ARG A 53 5.42 -3.08 19.07
CA ARG A 53 5.04 -4.30 19.77
C ARG A 53 3.84 -4.04 20.71
N ASP A 54 4.05 -4.11 22.02
CA ASP A 54 2.97 -3.90 22.98
C ASP A 54 2.82 -2.45 23.42
N CYS A 55 3.68 -1.55 22.94
CA CYS A 55 3.53 -0.14 23.26
C CYS A 55 2.70 0.57 22.19
N SER A 56 2.10 1.68 22.60
CA SER A 56 1.42 2.58 21.68
C SER A 56 2.28 3.81 21.43
N VAL A 57 1.84 4.67 20.51
CA VAL A 57 2.62 5.85 20.17
C VAL A 57 2.73 6.80 21.39
N ALA A 58 1.68 6.84 22.21
CA ALA A 58 1.70 7.63 23.44
C ALA A 58 2.67 7.03 24.46
N GLY A 59 2.50 5.74 24.77
CA GLY A 59 3.42 5.03 25.64
C GLY A 59 4.87 5.24 25.24
N TRP A 60 5.14 5.21 23.93
CA TRP A 60 6.49 5.38 23.43
C TRP A 60 7.01 6.79 23.67
N LEU A 61 6.24 7.79 23.22
CA LEU A 61 6.70 9.17 23.23
C LEU A 61 6.78 9.77 24.64
N LEU A 62 5.75 9.55 25.45
CA LEU A 62 5.76 9.98 26.84
C LEU A 62 6.80 9.20 27.67
N GLY A 63 7.19 8.01 27.20
CA GLY A 63 8.20 7.21 27.87
C GLY A 63 7.63 6.39 29.02
N ASN A 64 6.51 5.72 28.76
CA ASN A 64 5.95 4.73 29.68
C ASN A 64 7.04 3.74 30.06
N PRO A 65 7.31 3.56 31.37
CA PRO A 65 8.46 2.75 31.81
C PRO A 65 8.46 1.28 31.35
N MET A 66 7.30 0.79 30.88
CA MET A 66 7.22 -0.50 30.20
C MET A 66 7.70 -0.45 28.73
N CYS A 67 8.10 0.75 28.27
CA CYS A 67 8.45 0.96 26.86
C CYS A 67 9.89 1.46 26.72
N ASP A 68 10.79 0.88 27.51
CA ASP A 68 12.20 1.25 27.49
C ASP A 68 12.91 0.74 26.25
N GLU A 69 12.38 -0.30 25.62
CA GLU A 69 12.93 -0.80 24.35
C GLU A 69 13.06 0.33 23.34
N PHE A 70 12.14 1.29 23.41
CA PHE A 70 12.09 2.41 22.48
C PHE A 70 12.60 3.70 23.11
N ILE A 71 13.48 3.57 24.11
CA ILE A 71 14.07 4.73 24.79
C ILE A 71 14.85 5.60 23.80
N ASN A 72 15.55 4.95 22.86
CA ASN A 72 16.22 5.66 21.78
C ASN A 72 16.25 4.81 20.52
N VAL A 73 15.27 5.03 19.65
CA VAL A 73 15.13 4.23 18.44
C VAL A 73 15.76 4.95 17.26
N PRO A 74 16.46 4.20 16.40
CA PRO A 74 17.07 4.79 15.21
C PRO A 74 16.05 5.12 14.12
N GLU A 75 16.53 5.62 12.99
CA GLU A 75 15.69 5.95 11.85
C GLU A 75 14.87 4.75 11.40
N TRP A 76 13.60 4.98 11.04
CA TRP A 76 12.71 3.92 10.57
C TRP A 76 12.13 4.21 9.19
N SER A 77 11.63 3.17 8.55
CA SER A 77 10.96 3.28 7.24
C SER A 77 9.46 3.48 7.44
N TYR A 78 8.86 2.57 8.21
CA TYR A 78 7.47 2.72 8.63
C TYR A 78 7.36 2.31 10.10
N ILE A 79 6.19 2.56 10.69
CA ILE A 79 5.93 2.23 12.09
C ILE A 79 4.82 1.20 12.15
N VAL A 80 4.92 0.26 13.10
CA VAL A 80 3.88 -0.76 13.28
C VAL A 80 3.36 -0.76 14.72
N GLU A 81 2.05 -0.60 14.86
CA GLU A 81 1.39 -0.51 16.15
C GLU A 81 0.25 -1.51 16.17
N LYS A 82 0.07 -2.20 17.28
CA LYS A 82 -1.04 -3.15 17.39
C LYS A 82 -2.38 -2.41 17.45
N ALA A 83 -3.48 -3.15 17.28
CA ALA A 83 -4.82 -2.57 17.32
C ALA A 83 -5.17 -2.03 18.71
N ASN A 84 -4.86 -2.80 19.75
CA ASN A 84 -5.07 -2.38 21.13
C ASN A 84 -3.85 -2.65 21.99
N PRO A 85 -2.82 -1.80 21.87
CA PRO A 85 -1.58 -1.98 22.64
C PRO A 85 -1.88 -1.91 24.14
N VAL A 86 -1.33 -2.86 24.91
CA VAL A 86 -1.63 -2.92 26.35
C VAL A 86 -0.93 -1.80 27.13
N ASN A 87 0.24 -1.38 26.66
CA ASN A 87 1.02 -0.36 27.34
C ASN A 87 0.88 1.01 26.67
N ASP A 88 -0.18 1.71 27.06
CA ASP A 88 -0.50 3.03 26.54
C ASP A 88 -0.20 4.04 27.66
N LEU A 89 -1.23 4.61 28.29
CA LEU A 89 -1.06 5.53 29.41
C LEU A 89 -1.19 4.77 30.72
N CYS A 90 -0.06 4.48 31.35
CA CYS A 90 -0.05 3.70 32.58
C CYS A 90 -0.86 4.40 33.69
N TYR A 91 -0.67 5.70 33.86
CA TYR A 91 -1.56 6.51 34.69
C TYR A 91 -2.68 6.99 33.77
N PRO A 92 -3.95 6.71 34.11
CA PRO A 92 -5.04 7.02 33.18
C PRO A 92 -5.17 8.51 32.87
N GLY A 93 -5.84 8.81 31.75
CA GLY A 93 -6.00 10.17 31.29
C GLY A 93 -6.26 10.29 29.80
N ASP A 94 -5.92 11.45 29.23
CA ASP A 94 -6.10 11.74 27.81
C ASP A 94 -4.79 12.24 27.20
N PHE A 95 -4.71 12.15 25.88
CA PHE A 95 -3.62 12.74 25.12
C PHE A 95 -4.26 13.68 24.11
N ASN A 96 -4.10 14.97 24.34
CA ASN A 96 -4.75 15.99 23.53
C ASN A 96 -4.21 16.01 22.10
N ASP A 97 -5.13 16.12 21.13
CA ASP A 97 -4.81 16.10 19.69
C ASP A 97 -3.91 14.93 19.31
N TYR A 98 -4.23 13.75 19.84
CA TYR A 98 -3.40 12.56 19.67
C TYR A 98 -3.31 12.16 18.20
N GLU A 99 -4.43 12.24 17.49
CA GLU A 99 -4.51 11.81 16.10
C GLU A 99 -3.79 12.78 15.16
N GLU A 100 -3.91 14.07 15.44
CA GLU A 100 -3.16 15.07 14.67
C GLU A 100 -1.67 14.85 14.82
N LEU A 101 -1.25 14.37 15.98
CA LEU A 101 0.17 14.09 16.22
C LEU A 101 0.59 12.82 15.48
N LYS A 102 -0.20 11.77 15.62
CA LYS A 102 0.04 10.54 14.85
C LYS A 102 0.17 10.83 13.35
N HIS A 103 -0.67 11.73 12.85
CA HIS A 103 -0.62 12.10 11.44
C HIS A 103 0.71 12.78 11.10
N LEU A 104 1.24 13.52 12.07
CA LEU A 104 2.53 14.18 11.92
C LEU A 104 3.68 13.16 11.75
N LEU A 105 3.55 12.02 12.43
CA LEU A 105 4.55 10.94 12.38
C LEU A 105 4.65 10.23 11.04
N SER A 106 3.59 10.33 10.25
CA SER A 106 3.59 9.75 8.91
CA SER A 106 3.58 9.75 8.92
C SER A 106 4.50 10.54 7.99
N ARG A 107 4.89 11.74 8.42
CA ARG A 107 5.86 12.56 7.69
C ARG A 107 7.24 12.54 8.37
N ILE A 108 7.44 11.67 9.35
CA ILE A 108 8.69 11.63 10.12
C ILE A 108 9.36 10.24 10.08
N ASN A 109 10.65 10.22 9.79
CA ASN A 109 11.44 8.98 9.77
C ASN A 109 12.42 8.85 10.93
N HIS A 110 12.77 9.95 11.61
CA HIS A 110 13.76 9.91 12.68
C HIS A 110 13.64 11.01 13.74
N PHE A 111 13.66 10.60 15.00
CA PHE A 111 13.70 11.50 16.15
C PHE A 111 15.06 11.43 16.83
N GLU A 112 15.43 12.51 17.52
CA GLU A 112 16.59 12.52 18.41
C GLU A 112 16.15 13.08 19.75
N LYS A 113 16.11 12.23 20.77
CA LYS A 113 15.71 12.65 22.11
C LYS A 113 16.79 13.54 22.75
N ILE A 114 16.41 14.74 23.18
CA ILE A 114 17.33 15.60 23.92
C ILE A 114 16.70 16.15 25.19
N GLN A 115 17.56 16.46 26.16
CA GLN A 115 17.12 16.97 27.44
C GLN A 115 17.03 18.49 27.38
N ILE A 116 15.83 19.03 27.57
CA ILE A 116 15.65 20.47 27.54
C ILE A 116 15.62 21.09 28.94
N ILE A 117 14.98 20.41 29.89
CA ILE A 117 14.93 20.87 31.29
C ILE A 117 15.40 19.75 32.23
N PRO A 118 16.63 19.84 32.75
CA PRO A 118 17.17 18.74 33.55
C PRO A 118 16.37 18.51 34.84
N LYS A 119 16.31 17.26 35.27
CA LYS A 119 15.58 16.88 36.47
C LYS A 119 16.24 17.47 37.72
N SER A 120 17.56 17.56 37.69
CA SER A 120 18.34 18.11 38.79
C SER A 120 18.23 19.62 38.93
N SER A 121 17.64 20.29 37.94
CA SER A 121 17.54 21.75 37.95
C SER A 121 16.32 22.29 38.71
N TRP A 122 15.48 21.40 39.27
CA TRP A 122 14.30 21.82 40.02
C TRP A 122 14.64 21.98 41.50
N SER A 123 15.25 23.12 41.83
CA SER A 123 15.82 23.34 43.15
C SER A 123 14.83 23.82 44.21
N SER A 124 13.64 24.26 43.79
CA SER A 124 12.62 24.77 44.71
C SER A 124 11.38 23.84 44.82
N HIS A 125 11.37 22.76 44.05
CA HIS A 125 10.28 21.79 44.08
C HIS A 125 10.85 20.38 44.12
N GLU A 126 10.06 19.44 44.63
CA GLU A 126 10.47 18.05 44.68
C GLU A 126 10.21 17.38 43.34
N ALA A 127 11.26 16.78 42.77
CA ALA A 127 11.20 16.22 41.41
C ALA A 127 11.39 14.70 41.32
N SER A 128 11.83 14.08 42.41
CA SER A 128 12.15 12.64 42.40
C SER A 128 11.12 11.77 43.13
N LEU A 129 9.99 12.35 43.53
CA LEU A 129 8.93 11.61 44.21
C LEU A 129 7.64 11.57 43.40
N GLY A 130 7.72 11.92 42.12
CA GLY A 130 6.56 11.88 41.23
C GLY A 130 6.38 10.51 40.59
N VAL A 131 5.97 9.53 41.39
CA VAL A 131 5.83 8.15 40.93
C VAL A 131 4.52 7.51 41.42
N SER A 132 4.05 6.52 40.68
CA SER A 132 2.77 5.87 40.94
C SER A 132 2.87 4.35 40.78
N SER A 133 2.07 3.62 41.56
CA SER A 133 1.95 2.18 41.38
C SER A 133 1.24 1.82 40.07
N ALA A 134 0.57 2.79 39.46
CA ALA A 134 -0.04 2.61 38.13
C ALA A 134 1.00 2.45 37.03
N CYS A 135 2.20 2.97 37.26
CA CYS A 135 3.32 2.90 36.30
C CYS A 135 4.50 2.16 36.90
N PRO A 136 4.36 0.83 37.12
CA PRO A 136 5.41 0.10 37.78
C PRO A 136 6.61 -0.15 36.87
N TYR A 137 7.80 -0.17 37.46
CA TYR A 137 9.03 -0.58 36.77
C TYR A 137 9.86 -1.45 37.68
N GLN A 138 10.00 -2.72 37.32
CA GLN A 138 10.87 -3.64 38.03
C GLN A 138 10.38 -3.83 39.48
N GLY A 139 9.07 -3.92 39.65
CA GLY A 139 8.45 -4.13 40.96
C GLY A 139 8.16 -2.85 41.74
N LYS A 140 8.75 -1.74 41.32
CA LYS A 140 8.64 -0.48 42.06
C LYS A 140 7.72 0.48 41.33
N SER A 141 7.25 1.49 42.05
CA SER A 141 6.48 2.58 41.45
C SER A 141 7.38 3.48 40.62
N SER A 142 6.94 3.85 39.42
CA SER A 142 7.72 4.70 38.53
C SER A 142 6.80 5.66 37.81
N PHE A 143 7.24 6.20 36.66
CA PHE A 143 6.45 7.18 35.91
C PHE A 143 6.99 7.40 34.50
N PHE A 144 6.17 8.04 33.65
CA PHE A 144 6.59 8.42 32.30
C PHE A 144 7.98 9.06 32.36
N ARG A 145 8.95 8.43 31.71
CA ARG A 145 10.35 8.83 31.83
C ARG A 145 10.72 10.19 31.23
N ASN A 146 9.87 10.72 30.36
CA ASN A 146 10.21 11.94 29.63
C ASN A 146 9.61 13.20 30.24
N VAL A 147 8.74 13.02 31.23
CA VAL A 147 8.14 14.15 31.93
C VAL A 147 8.30 13.99 33.43
N VAL A 148 8.22 15.11 34.14
CA VAL A 148 8.51 15.15 35.57
C VAL A 148 7.26 15.57 36.32
N TRP A 149 6.76 14.69 37.18
CA TRP A 149 5.62 15.01 38.04
C TRP A 149 6.13 15.74 39.27
N LEU A 150 6.10 17.07 39.21
CA LEU A 150 6.62 17.91 40.27
C LEU A 150 5.60 18.06 41.39
N ILE A 151 6.05 17.85 42.63
CA ILE A 151 5.22 18.07 43.83
C ILE A 151 5.89 19.05 44.81
N LYS A 152 5.13 19.49 45.81
CA LYS A 152 5.61 20.46 46.80
C LYS A 152 6.86 20.01 47.57
N LYS A 153 7.68 20.98 47.96
CA LYS A 153 8.89 20.71 48.72
C LYS A 153 8.84 21.46 50.05
N ASN A 154 8.89 20.72 51.16
CA ASN A 154 8.77 21.27 52.51
C ASN A 154 7.53 22.17 52.64
N SER A 155 6.40 21.69 52.12
CA SER A 155 5.11 22.38 52.20
C SER A 155 5.12 23.77 51.56
N THR A 156 5.70 23.90 50.36
CA THR A 156 5.57 25.11 49.53
C THR A 156 5.73 24.73 48.07
N TYR A 157 4.77 25.14 47.23
CA TYR A 157 4.90 25.03 45.78
C TYR A 157 4.89 26.45 45.24
N PRO A 158 6.08 27.08 45.13
CA PRO A 158 6.13 28.44 44.61
C PRO A 158 5.91 28.46 43.11
N THR A 159 5.57 29.63 42.58
CA THR A 159 5.29 29.78 41.16
C THR A 159 6.52 29.40 40.34
N ILE A 160 6.32 28.53 39.35
CA ILE A 160 7.36 28.15 38.39
C ILE A 160 7.31 29.13 37.23
N LYS A 161 8.48 29.61 36.80
CA LYS A 161 8.58 30.45 35.61
C LYS A 161 9.81 30.03 34.83
N ARG A 162 9.62 29.07 33.93
CA ARG A 162 10.73 28.51 33.16
C ARG A 162 10.57 28.82 31.69
N SER A 163 11.69 28.84 30.98
CA SER A 163 11.69 29.05 29.55
C SER A 163 12.75 28.19 28.87
N TYR A 164 12.42 27.62 27.72
CA TYR A 164 13.42 26.94 26.90
C TYR A 164 13.45 27.57 25.52
N ASN A 165 14.66 27.73 24.99
CA ASN A 165 14.87 28.30 23.66
C ASN A 165 15.39 27.22 22.71
N ASN A 166 14.65 26.97 21.63
CA ASN A 166 15.11 26.01 20.63
C ASN A 166 16.26 26.60 19.83
N THR A 167 17.47 26.26 20.26
CA THR A 167 18.69 26.72 19.60
C THR A 167 19.09 25.79 18.45
N ASN A 168 18.45 24.62 18.37
CA ASN A 168 18.75 23.65 17.34
C ASN A 168 18.24 24.10 15.98
N GLN A 169 18.77 23.50 14.92
CA GLN A 169 18.28 23.77 13.57
C GLN A 169 16.93 23.11 13.34
N GLU A 170 16.68 22.00 14.03
CA GLU A 170 15.55 21.11 13.76
C GLU A 170 14.33 21.41 14.60
N ASP A 171 13.14 21.30 13.99
CA ASP A 171 11.88 21.41 14.72
C ASP A 171 11.93 20.53 15.95
N LEU A 172 11.28 20.97 17.02
CA LEU A 172 11.32 20.26 18.29
C LEU A 172 9.92 19.93 18.78
N LEU A 173 9.62 18.64 18.93
CA LEU A 173 8.38 18.19 19.54
C LEU A 173 8.52 18.25 21.05
N VAL A 174 7.67 19.04 21.70
CA VAL A 174 7.67 19.17 23.16
C VAL A 174 6.38 18.62 23.73
N LEU A 175 6.49 17.92 24.86
CA LEU A 175 5.34 17.32 25.54
C LEU A 175 5.30 17.74 27.00
N TRP A 176 4.11 18.05 27.50
CA TRP A 176 3.92 18.32 28.93
C TRP A 176 2.56 17.79 29.40
N GLY A 177 2.18 18.07 30.64
CA GLY A 177 0.90 17.57 31.16
C GLY A 177 0.35 18.33 32.36
N ILE A 178 -0.90 17.98 32.69
CA ILE A 178 -1.61 18.55 33.83
C ILE A 178 -2.17 17.38 34.64
N HIS A 179 -2.08 17.46 35.96
CA HIS A 179 -2.66 16.44 36.83
C HIS A 179 -4.03 16.87 37.35
N HIS A 180 -5.01 15.99 37.20
CA HIS A 180 -6.37 16.23 37.66
C HIS A 180 -6.64 15.33 38.86
N PRO A 181 -6.41 15.85 40.07
CA PRO A 181 -6.50 14.96 41.24
C PRO A 181 -7.92 14.56 41.60
N LYS A 182 -8.02 13.54 42.45
CA LYS A 182 -9.32 12.98 42.86
C LYS A 182 -10.14 13.88 43.80
N ASP A 183 -9.49 14.66 44.67
CA ASP A 183 -10.20 15.49 45.64
C ASP A 183 -9.43 16.71 46.14
N ALA A 184 -10.12 17.57 46.88
CA ALA A 184 -9.53 18.79 47.46
C ALA A 184 -8.32 18.50 48.38
N ALA A 185 -8.37 17.36 49.08
CA ALA A 185 -7.29 16.96 49.99
C ALA A 185 -6.00 16.67 49.24
N GLU A 186 -6.11 15.88 48.17
CA GLU A 186 -4.94 15.51 47.37
C GLU A 186 -4.29 16.76 46.74
N GLN A 187 -5.12 17.69 46.29
CA GLN A 187 -4.64 18.96 45.72
C GLN A 187 -3.70 19.67 46.68
N THR A 188 -4.16 19.90 47.91
CA THR A 188 -3.30 20.55 48.91
C THR A 188 -2.17 19.61 49.33
N LYS A 189 -2.48 18.32 49.48
CA LYS A 189 -1.47 17.34 49.88
C LYS A 189 -0.26 17.31 48.93
N LEU A 190 -0.52 17.39 47.63
CA LEU A 190 0.54 17.34 46.62
C LEU A 190 1.11 18.72 46.28
N TYR A 191 0.25 19.73 46.20
CA TYR A 191 0.62 21.04 45.66
C TYR A 191 0.37 22.25 46.57
N GLN A 192 -0.18 22.03 47.76
CA GLN A 192 -0.52 23.13 48.69
C GLN A 192 -1.65 24.04 48.20
N ASN A 193 -1.36 24.82 47.16
CA ASN A 193 -2.28 25.82 46.64
C ASN A 193 -3.60 25.19 46.19
N PRO A 194 -4.73 25.70 46.68
CA PRO A 194 -6.02 25.10 46.33
C PRO A 194 -6.40 25.37 44.88
N THR A 195 -6.10 26.58 44.41
CA THR A 195 -6.38 26.98 43.03
C THR A 195 -5.07 27.12 42.29
N THR A 196 -4.94 26.40 41.18
CA THR A 196 -3.69 26.40 40.41
C THR A 196 -3.95 26.47 38.91
N TYR A 197 -2.88 26.55 38.15
CA TYR A 197 -2.95 26.63 36.70
C TYR A 197 -1.61 26.30 36.08
N ILE A 198 -1.63 26.04 34.77
CA ILE A 198 -0.41 25.98 33.98
C ILE A 198 -0.64 26.87 32.75
N SER A 199 0.22 27.87 32.57
CA SER A 199 0.14 28.73 31.39
C SER A 199 1.32 28.46 30.49
N VAL A 200 1.04 28.20 29.22
CA VAL A 200 2.06 27.85 28.25
C VAL A 200 1.93 28.77 27.05
N GLY A 201 3.05 29.28 26.56
CA GLY A 201 3.06 30.16 25.41
C GLY A 201 4.27 30.00 24.52
N THR A 202 4.05 30.10 23.21
CA THR A 202 5.13 30.21 22.22
C THR A 202 4.78 31.39 21.34
N SER A 203 5.34 31.42 20.14
CA SER A 203 4.98 32.44 19.17
C SER A 203 3.53 32.28 18.73
N THR A 204 3.11 31.03 18.56
CA THR A 204 1.75 30.72 18.10
C THR A 204 0.81 30.30 19.23
N LEU A 205 1.37 29.76 20.32
CA LEU A 205 0.56 29.15 21.38
C LEU A 205 0.21 30.13 22.51
N ASN A 206 -1.03 30.04 22.99
CA ASN A 206 -1.55 30.91 24.06
C ASN A 206 -2.44 30.07 24.99
N GLN A 207 -1.81 29.15 25.71
CA GLN A 207 -2.53 28.17 26.50
C GLN A 207 -2.58 28.56 27.99
N ARG A 208 -3.62 28.11 28.67
CA ARG A 208 -3.73 28.25 30.11
C ARG A 208 -4.67 27.17 30.65
N LEU A 209 -4.09 26.15 31.27
CA LEU A 209 -4.86 25.01 31.76
C LEU A 209 -5.17 25.19 33.24
N VAL A 210 -6.30 24.63 33.67
CA VAL A 210 -6.66 24.56 35.09
C VAL A 210 -7.10 23.13 35.43
N PRO A 211 -6.62 22.58 36.57
CA PRO A 211 -7.04 21.23 36.91
C PRO A 211 -8.52 21.17 37.25
N ARG A 212 -9.22 20.17 36.72
CA ARG A 212 -10.57 19.86 37.15
C ARG A 212 -10.52 18.76 38.21
N ILE A 213 -10.92 19.12 39.43
CA ILE A 213 -10.96 18.18 40.55
C ILE A 213 -12.30 17.46 40.58
N ALA A 214 -12.25 16.14 40.63
CA ALA A 214 -13.46 15.30 40.68
C ALA A 214 -13.07 13.86 40.99
N THR A 215 -13.94 13.17 41.70
CA THR A 215 -13.76 11.74 41.95
C THR A 215 -14.29 10.98 40.73
N ARG A 216 -13.46 10.08 40.20
CA ARG A 216 -13.78 9.36 38.98
C ARG A 216 -13.60 7.86 39.18
N SER A 217 -14.09 7.08 38.21
CA SER A 217 -13.88 5.63 38.22
C SER A 217 -12.39 5.33 38.27
N LYS A 218 -12.01 4.28 39.01
CA LYS A 218 -10.61 3.94 39.18
C LYS A 218 -10.07 3.07 38.04
N VAL A 219 -9.00 3.54 37.40
CA VAL A 219 -8.34 2.81 36.33
C VAL A 219 -6.87 2.66 36.71
N ASN A 220 -6.39 1.42 36.74
CA ASN A 220 -5.08 1.09 37.30
C ASN A 220 -4.92 1.64 38.72
N GLY A 221 -5.99 1.57 39.49
CA GLY A 221 -6.00 2.04 40.86
C GLY A 221 -6.03 3.56 41.02
N GLN A 222 -6.23 4.30 39.94
CA GLN A 222 -6.20 5.76 40.00
C GLN A 222 -7.54 6.43 39.73
N SER A 223 -7.91 7.34 40.62
CA SER A 223 -9.12 8.15 40.48
C SER A 223 -8.78 9.50 39.85
N GLY A 224 -7.53 9.90 39.92
CA GLY A 224 -7.06 11.11 39.27
C GLY A 224 -6.74 10.83 37.82
N ARG A 225 -6.44 11.89 37.06
CA ARG A 225 -6.17 11.78 35.63
C ARG A 225 -4.99 12.64 35.20
N MET A 226 -4.40 12.28 34.06
CA MET A 226 -3.33 13.06 33.45
C MET A 226 -3.71 13.41 32.02
N GLU A 227 -3.79 14.71 31.72
CA GLU A 227 -4.13 15.19 30.39
C GLU A 227 -2.85 15.73 29.76
N PHE A 228 -2.43 15.12 28.66
CA PHE A 228 -1.15 15.47 28.06
C PHE A 228 -1.34 16.34 26.83
N PHE A 229 -0.43 17.30 26.67
CA PHE A 229 -0.46 18.23 25.53
C PHE A 229 0.88 18.24 24.83
N TRP A 230 0.90 18.81 23.64
CA TRP A 230 2.11 18.90 22.86
C TRP A 230 2.11 20.11 21.96
N THR A 231 3.30 20.44 21.46
CA THR A 231 3.44 21.44 20.41
C THR A 231 4.72 21.18 19.63
N ILE A 232 4.84 21.82 18.47
CA ILE A 232 6.07 21.82 17.70
C ILE A 232 6.72 23.18 17.90
N LEU A 233 7.83 23.19 18.61
CA LEU A 233 8.57 24.43 18.84
C LEU A 233 9.50 24.66 17.66
N LYS A 234 9.24 25.72 16.92
CA LYS A 234 10.02 26.04 15.72
C LYS A 234 11.47 26.43 16.05
N PRO A 235 12.35 26.47 15.04
CA PRO A 235 13.72 26.85 15.38
C PRO A 235 13.77 28.28 15.88
N ASN A 236 14.58 28.53 16.89
CA ASN A 236 14.85 29.88 17.35
C ASN A 236 13.66 30.54 18.05
N ASP A 237 12.64 29.74 18.37
CA ASP A 237 11.48 30.20 19.13
C ASP A 237 11.62 29.64 20.54
N ALA A 238 10.86 30.20 21.48
CA ALA A 238 10.98 29.84 22.89
C ALA A 238 9.62 29.52 23.48
N ILE A 239 9.59 28.53 24.36
CA ILE A 239 8.36 28.14 25.05
C ILE A 239 8.38 28.58 26.53
N ASN A 240 7.33 29.27 26.95
CA ASN A 240 7.21 29.81 28.32
C ASN A 240 6.30 28.95 29.17
N PHE A 241 6.75 28.62 30.38
CA PHE A 241 5.92 27.91 31.34
C PHE A 241 5.67 28.77 32.59
N GLU A 242 4.51 28.55 33.21
CA GLU A 242 4.16 29.22 34.45
C GLU A 242 3.12 28.36 35.17
N SER A 243 3.33 28.06 36.45
CA SER A 243 2.39 27.21 37.18
C SER A 243 2.41 27.35 38.71
N ASN A 244 1.23 27.18 39.31
CA ASN A 244 1.05 27.08 40.78
C ASN A 244 1.13 25.66 41.29
N GLY A 245 0.89 24.69 40.42
CA GLY A 245 0.86 23.29 40.78
C GLY A 245 0.21 22.46 39.70
N ASN A 246 0.27 21.14 39.87
CA ASN A 246 -0.30 20.17 38.93
C ASN A 246 0.48 20.08 37.61
N PHE A 247 1.66 20.68 37.57
CA PHE A 247 2.45 20.77 36.34
C PHE A 247 3.23 19.49 36.14
N ILE A 248 3.06 18.88 34.97
CA ILE A 248 3.86 17.74 34.57
C ILE A 248 4.85 18.30 33.56
N ALA A 249 6.06 18.57 34.02
CA ALA A 249 7.04 19.32 33.26
C ALA A 249 7.82 18.43 32.30
N PRO A 250 8.23 18.98 31.13
CA PRO A 250 9.08 18.21 30.25
C PRO A 250 10.48 18.06 30.81
N GLU A 251 11.08 16.89 30.62
CA GLU A 251 12.51 16.71 30.84
C GLU A 251 13.19 16.50 29.49
N TYR A 252 12.67 15.55 28.71
CA TYR A 252 13.16 15.26 27.37
C TYR A 252 12.15 15.69 26.30
N ALA A 253 12.68 16.09 25.15
CA ALA A 253 11.86 16.38 23.97
C ALA A 253 12.59 15.81 22.74
N TYR A 254 11.86 15.65 21.65
CA TYR A 254 12.39 15.01 20.45
C TYR A 254 12.70 16.01 19.34
N LYS A 255 13.92 15.96 18.82
CA LYS A 255 14.29 16.70 17.62
C LYS A 255 13.80 15.95 16.39
N ILE A 256 13.23 16.69 15.44
CA ILE A 256 12.79 16.13 14.17
C ILE A 256 13.91 16.29 13.14
N VAL A 257 14.76 15.28 13.05
CA VAL A 257 15.98 15.35 12.23
C VAL A 257 15.77 14.94 10.76
N LYS A 258 14.78 14.09 10.52
CA LYS A 258 14.49 13.63 9.16
C LYS A 258 13.00 13.52 8.92
N LYS A 259 12.52 14.18 7.86
CA LYS A 259 11.14 14.06 7.41
C LYS A 259 11.08 13.20 6.16
N GLY A 260 9.87 12.90 5.69
CA GLY A 260 9.69 12.14 4.45
C GLY A 260 8.65 11.04 4.56
N ASP A 261 8.73 10.08 3.64
CA ASP A 261 7.70 9.06 3.48
C ASP A 261 7.73 8.05 4.62
N SER A 262 6.62 7.99 5.34
CA SER A 262 6.45 7.02 6.42
C SER A 262 4.96 6.76 6.59
N THR A 263 4.63 5.83 7.49
CA THR A 263 3.23 5.50 7.75
C THR A 263 3.14 4.71 9.04
N ILE A 264 2.02 4.88 9.75
CA ILE A 264 1.71 4.04 10.90
C ILE A 264 0.81 2.91 10.40
N MET A 265 1.29 1.68 10.55
CA MET A 265 0.63 0.52 10.00
C MET A 265 0.06 -0.29 11.16
N LYS A 266 -1.21 -0.64 11.11
CA LYS A 266 -1.84 -1.38 12.19
C LYS A 266 -1.78 -2.86 11.85
N SER A 267 -1.09 -3.62 12.70
CA SER A 267 -0.84 -5.05 12.46
C SER A 267 -0.44 -5.75 13.74
N GLU A 268 -0.84 -7.01 13.88
CA GLU A 268 -0.47 -7.82 15.05
C GLU A 268 0.82 -8.61 14.82
N LEU A 269 1.34 -8.59 13.59
CA LEU A 269 2.55 -9.32 13.24
C LEU A 269 3.80 -8.67 13.85
N GLU A 270 4.82 -9.48 14.10
CA GLU A 270 6.13 -9.02 14.57
C GLU A 270 7.16 -9.00 13.43
N TYR A 271 8.43 -8.74 13.75
CA TYR A 271 9.49 -8.60 12.74
C TYR A 271 9.84 -9.92 12.06
N GLY A 272 10.01 -9.86 10.74
CA GLY A 272 10.21 -11.06 9.93
C GLY A 272 11.64 -11.38 9.55
N ASN A 273 12.60 -10.55 9.97
CA ASN A 273 14.02 -10.72 9.60
C ASN A 273 14.15 -10.89 8.09
N CYS A 274 13.91 -9.80 7.38
CA CYS A 274 13.41 -9.88 6.02
C CYS A 274 13.56 -8.54 5.29
N ASN A 275 13.59 -8.57 3.95
CA ASN A 275 13.70 -7.34 3.15
C ASN A 275 12.74 -7.32 1.95
N THR A 276 12.28 -6.13 1.58
CA THR A 276 11.30 -5.97 0.51
C THR A 276 11.25 -4.55 -0.02
N LYS A 277 10.62 -4.36 -1.18
CA LYS A 277 10.39 -3.04 -1.75
C LYS A 277 8.92 -2.62 -1.66
N CYS A 278 8.08 -3.50 -1.12
CA CYS A 278 6.66 -3.22 -0.98
C CYS A 278 6.11 -3.97 0.22
N GLN A 279 5.55 -3.22 1.17
CA GLN A 279 5.08 -3.82 2.42
C GLN A 279 3.61 -3.52 2.65
N THR A 280 2.90 -4.52 3.16
CA THR A 280 1.50 -4.38 3.58
C THR A 280 1.32 -4.94 4.99
N PRO A 281 0.24 -4.54 5.69
CA PRO A 281 0.01 -5.00 7.06
C PRO A 281 -0.08 -6.52 7.24
N MET A 282 -0.29 -7.25 6.15
CA MET A 282 -0.36 -8.71 6.20
C MET A 282 0.90 -9.40 5.71
N GLY A 283 1.76 -8.66 5.03
CA GLY A 283 2.96 -9.24 4.45
C GLY A 283 3.53 -8.39 3.34
N ALA A 284 4.71 -8.76 2.86
CA ALA A 284 5.40 -8.00 1.83
C ALA A 284 5.18 -8.61 0.44
N ILE A 285 5.39 -7.79 -0.57
CA ILE A 285 5.12 -8.17 -1.96
C ILE A 285 6.38 -8.06 -2.80
N ASN A 286 6.66 -9.11 -3.56
CA ASN A 286 7.77 -9.15 -4.50
C ASN A 286 7.26 -9.63 -5.85
N SER A 287 6.83 -8.69 -6.68
CA SER A 287 6.35 -9.05 -8.02
C SER A 287 6.42 -7.90 -9.00
N SER A 288 6.35 -8.25 -10.29
CA SER A 288 6.38 -7.28 -11.37
C SER A 288 4.99 -7.06 -11.97
N MET A 289 3.95 -7.57 -11.29
CA MET A 289 2.58 -7.43 -11.76
C MET A 289 2.12 -5.98 -11.58
N PRO A 290 1.24 -5.51 -12.47
CA PRO A 290 0.70 -4.15 -12.30
C PRO A 290 -0.38 -4.04 -11.23
N PHE A 291 -0.89 -5.17 -10.74
CA PHE A 291 -1.96 -5.16 -9.75
C PHE A 291 -1.73 -6.17 -8.67
N HIS A 292 -2.37 -5.96 -7.52
CA HIS A 292 -2.45 -6.97 -6.47
C HIS A 292 -3.77 -6.83 -5.71
N ASN A 293 -4.11 -7.84 -4.92
CA ASN A 293 -5.34 -7.82 -4.11
C ASN A 293 -5.08 -8.22 -2.65
N ILE A 294 -3.87 -7.95 -2.17
CA ILE A 294 -3.47 -8.29 -0.80
C ILE A 294 -4.13 -7.38 0.24
N HIS A 295 -3.93 -6.07 0.10
CA HIS A 295 -4.39 -5.11 1.09
C HIS A 295 -4.23 -3.67 0.53
N PRO A 296 -5.18 -2.76 0.82
CA PRO A 296 -5.08 -1.41 0.24
C PRO A 296 -3.97 -0.50 0.80
N LEU A 297 -3.70 -0.58 2.10
CA LEU A 297 -2.66 0.25 2.73
C LEU A 297 -1.26 -0.33 2.56
N THR A 298 -0.56 0.09 1.52
CA THR A 298 0.82 -0.36 1.31
C THR A 298 1.79 0.80 1.40
N ILE A 299 3.07 0.48 1.53
CA ILE A 299 4.14 1.47 1.45
C ILE A 299 5.27 0.92 0.59
N GLY A 300 5.88 1.80 -0.20
CA GLY A 300 6.95 1.41 -1.11
C GLY A 300 6.50 1.43 -2.57
N GLU A 301 7.39 0.95 -3.46
CA GLU A 301 7.08 0.86 -4.89
C GLU A 301 6.22 -0.40 -5.06
N CYS A 302 4.91 -0.20 -5.19
CA CYS A 302 3.95 -1.29 -5.15
C CYS A 302 3.08 -1.39 -6.39
N PRO A 303 2.54 -2.59 -6.65
CA PRO A 303 1.47 -2.70 -7.63
C PRO A 303 0.20 -2.00 -7.14
N LYS A 304 -0.75 -1.76 -8.03
CA LYS A 304 -1.96 -1.04 -7.67
C LYS A 304 -2.99 -2.02 -7.11
N TYR A 305 -3.61 -1.63 -6.01
CA TYR A 305 -4.53 -2.51 -5.32
C TYR A 305 -5.89 -2.48 -6.00
N VAL A 306 -6.43 -3.65 -6.29
CA VAL A 306 -7.82 -3.81 -6.74
C VAL A 306 -8.49 -4.86 -5.86
N LYS A 307 -9.80 -4.89 -5.88
CA LYS A 307 -10.57 -5.89 -5.13
C LYS A 307 -10.82 -7.20 -5.91
N SER A 308 -10.21 -7.38 -7.07
CA SER A 308 -10.49 -8.56 -7.91
C SER A 308 -9.97 -9.84 -7.29
N ASN A 309 -10.60 -10.95 -7.64
CA ASN A 309 -10.05 -12.27 -7.37
C ASN A 309 -9.20 -12.80 -8.54
N ARG A 310 -9.31 -12.16 -9.70
CA ARG A 310 -8.74 -12.69 -10.93
C ARG A 310 -8.65 -11.61 -12.04
N LEU A 311 -7.46 -11.39 -12.58
CA LEU A 311 -7.30 -10.55 -13.77
C LEU A 311 -6.33 -11.22 -14.74
N VAL A 312 -6.85 -11.72 -15.84
CA VAL A 312 -6.05 -12.45 -16.83
C VAL A 312 -6.37 -11.95 -18.22
N LEU A 313 -5.35 -11.43 -18.90
CA LEU A 313 -5.48 -10.93 -20.28
C LEU A 313 -5.21 -12.05 -21.27
N ALA A 314 -5.98 -12.09 -22.35
CA ALA A 314 -5.69 -12.99 -23.46
C ALA A 314 -4.58 -12.38 -24.28
N THR A 315 -3.60 -13.20 -24.65
CA THR A 315 -2.57 -12.82 -25.61
C THR A 315 -2.72 -13.64 -26.87
N GLY A 316 -2.85 -14.95 -26.70
CA GLY A 316 -3.07 -15.85 -27.81
C GLY A 316 -4.51 -15.85 -28.27
N LEU A 317 -4.86 -16.90 -28.99
CA LEU A 317 -6.17 -16.98 -29.63
C LEU A 317 -6.95 -18.15 -29.07
N ARG A 318 -8.21 -18.24 -29.47
CA ARG A 318 -9.12 -19.26 -28.96
C ARG A 318 -8.61 -20.65 -29.29
N ASN A 319 -8.37 -21.44 -28.26
CA ASN A 319 -7.76 -22.75 -28.39
C ASN A 319 -8.78 -23.84 -28.65
N SER A 320 -8.47 -24.70 -29.62
CA SER A 320 -9.40 -25.70 -30.12
C SER A 320 -9.48 -26.90 -29.18
N PRO A 321 -10.70 -27.47 -29.02
CA PRO A 321 -10.88 -28.72 -28.28
C PRO A 321 -10.65 -29.94 -29.17
N GLY B 1 -16.49 -16.12 -33.81
CA GLY B 1 -15.85 -14.78 -33.78
C GLY B 1 -16.48 -13.84 -34.80
N LEU B 2 -16.21 -12.56 -34.65
CA LEU B 2 -16.83 -11.57 -35.52
C LEU B 2 -16.47 -11.76 -37.00
N PHE B 3 -15.29 -12.31 -37.27
CA PHE B 3 -14.76 -12.34 -38.65
C PHE B 3 -14.93 -13.67 -39.35
N GLY B 4 -15.48 -14.63 -38.61
CA GLY B 4 -15.94 -15.88 -39.19
C GLY B 4 -14.89 -16.95 -39.45
N ALA B 5 -13.61 -16.64 -39.30
CA ALA B 5 -12.58 -17.60 -39.67
C ALA B 5 -12.31 -18.59 -38.55
N ILE B 6 -11.80 -18.09 -37.42
CA ILE B 6 -11.42 -18.94 -36.30
C ILE B 6 -12.65 -19.65 -35.70
N ALA B 7 -12.56 -20.96 -35.59
CA ALA B 7 -13.69 -21.77 -35.14
C ALA B 7 -14.96 -21.43 -35.91
N GLY B 8 -14.81 -21.20 -37.21
CA GLY B 8 -15.92 -20.84 -38.09
C GLY B 8 -15.83 -21.66 -39.35
N PHE B 9 -15.39 -21.05 -40.46
CA PHE B 9 -15.21 -21.83 -41.68
C PHE B 9 -13.89 -22.59 -41.59
N ILE B 10 -12.97 -22.12 -40.76
CA ILE B 10 -11.82 -22.92 -40.35
C ILE B 10 -12.16 -23.52 -38.99
N GLU B 11 -12.38 -24.82 -38.98
CA GLU B 11 -13.04 -25.49 -37.85
C GLU B 11 -12.20 -25.57 -36.59
N GLY B 12 -10.89 -25.66 -36.76
CA GLY B 12 -9.99 -25.77 -35.62
C GLY B 12 -8.57 -25.36 -35.97
N GLY B 13 -7.77 -25.15 -34.93
CA GLY B 13 -6.37 -24.83 -35.10
C GLY B 13 -5.51 -26.06 -35.32
N TRP B 14 -4.20 -25.83 -35.48
CA TRP B 14 -3.24 -26.85 -35.82
C TRP B 14 -2.20 -27.05 -34.72
N GLN B 15 -2.23 -28.21 -34.09
CA GLN B 15 -1.18 -28.60 -33.14
C GLN B 15 0.17 -28.61 -33.84
N GLY B 16 0.18 -29.02 -35.12
CA GLY B 16 1.42 -29.14 -35.88
C GLY B 16 2.12 -27.85 -36.26
N MET B 17 1.44 -26.71 -36.23
CA MET B 17 2.08 -25.44 -36.54
C MET B 17 2.57 -24.73 -35.28
N VAL B 18 3.86 -24.85 -35.03
CA VAL B 18 4.45 -24.47 -33.73
C VAL B 18 5.14 -23.11 -33.76
N ASP B 19 5.62 -22.69 -34.91
CA ASP B 19 6.49 -21.52 -35.00
C ASP B 19 5.75 -20.26 -35.49
N GLY B 20 4.45 -20.19 -35.25
CA GLY B 20 3.71 -18.99 -35.61
C GLY B 20 2.26 -19.08 -35.19
N TRP B 21 1.55 -17.96 -35.24
CA TRP B 21 0.15 -17.93 -34.86
C TRP B 21 -0.76 -18.25 -36.03
N TYR B 22 -0.35 -17.82 -37.22
CA TYR B 22 -1.09 -18.08 -38.45
C TYR B 22 -0.13 -18.56 -39.51
N GLY B 23 -0.63 -19.37 -40.43
CA GLY B 23 0.20 -19.85 -41.52
C GLY B 23 -0.53 -20.76 -42.49
N TYR B 24 0.25 -21.55 -43.21
CA TYR B 24 -0.23 -22.39 -44.30
C TYR B 24 0.05 -23.85 -44.07
N HIS B 25 -0.78 -24.71 -44.63
CA HIS B 25 -0.48 -26.15 -44.74
C HIS B 25 -0.63 -26.60 -46.17
N HIS B 26 0.39 -27.25 -46.72
CA HIS B 26 0.33 -27.73 -48.12
C HIS B 26 0.35 -29.25 -48.23
N SER B 27 -0.17 -29.76 -49.34
CA SER B 27 -0.22 -31.18 -49.67
C SER B 27 -0.06 -31.36 -51.18
N ASN B 28 0.99 -32.05 -51.60
CA ASN B 28 1.19 -32.36 -53.02
C ASN B 28 1.89 -33.71 -53.16
N GLU B 29 2.43 -34.02 -54.34
CA GLU B 29 3.07 -35.32 -54.54
C GLU B 29 4.35 -35.50 -53.73
N GLN B 30 5.07 -34.40 -53.52
CA GLN B 30 6.34 -34.42 -52.77
C GLN B 30 6.16 -34.55 -51.25
N GLY B 31 4.97 -34.23 -50.73
CA GLY B 31 4.71 -34.35 -49.30
C GLY B 31 3.72 -33.34 -48.75
N SER B 32 3.91 -32.95 -47.50
CA SER B 32 3.01 -32.02 -46.83
C SER B 32 3.67 -31.38 -45.63
N GLY B 33 3.11 -30.27 -45.16
CA GLY B 33 3.60 -29.64 -43.95
C GLY B 33 3.10 -28.24 -43.66
N TYR B 34 3.52 -27.72 -42.51
CA TYR B 34 3.10 -26.41 -42.04
C TYR B 34 4.18 -25.37 -42.26
N ALA B 35 3.77 -24.16 -42.55
CA ALA B 35 4.68 -23.01 -42.62
C ALA B 35 3.98 -21.77 -42.04
N ALA B 36 4.62 -21.16 -41.04
CA ALA B 36 4.09 -19.96 -40.42
C ALA B 36 4.22 -18.77 -41.36
N ASP B 37 3.23 -17.90 -41.36
CA ASP B 37 3.32 -16.63 -42.07
C ASP B 37 3.92 -15.60 -41.11
N LYS B 38 5.16 -15.19 -41.40
CA LYS B 38 5.94 -14.32 -40.52
C LYS B 38 5.33 -12.92 -40.35
N GLU B 39 4.92 -12.32 -41.46
CA GLU B 39 4.48 -10.93 -41.44
C GLU B 39 3.26 -10.74 -40.57
N SER B 40 2.21 -11.53 -40.78
CA SER B 40 0.98 -11.38 -40.02
C SER B 40 1.15 -11.80 -38.56
N THR B 41 2.02 -12.79 -38.32
CA THR B 41 2.33 -13.22 -36.95
C THR B 41 3.01 -12.10 -36.16
N GLN B 42 4.01 -11.46 -36.75
CA GLN B 42 4.76 -10.40 -36.07
C GLN B 42 3.89 -9.17 -35.85
N LYS B 43 3.00 -8.91 -36.79
CA LYS B 43 1.95 -7.91 -36.65
C LYS B 43 1.11 -8.21 -35.41
N ALA B 44 0.70 -9.46 -35.25
CA ALA B 44 -0.09 -9.85 -34.10
C ALA B 44 0.69 -9.68 -32.80
N ILE B 45 1.94 -10.08 -32.78
CA ILE B 45 2.77 -9.93 -31.59
C ILE B 45 2.93 -8.47 -31.20
N ASP B 46 3.21 -7.60 -32.18
CA ASP B 46 3.38 -6.19 -31.89
C ASP B 46 2.11 -5.56 -31.32
N GLY B 47 0.95 -5.94 -31.87
CA GLY B 47 -0.31 -5.36 -31.46
C GLY B 47 -0.68 -5.72 -30.03
N VAL B 48 -0.65 -7.03 -29.75
CA VAL B 48 -0.94 -7.54 -28.42
C VAL B 48 0.06 -7.03 -27.37
N THR B 49 1.34 -6.95 -27.73
CA THR B 49 2.35 -6.43 -26.81
C THR B 49 2.10 -4.97 -26.46
N ASN B 50 1.79 -4.16 -27.47
CA ASN B 50 1.48 -2.75 -27.23
C ASN B 50 0.23 -2.58 -26.40
N LYS B 51 -0.74 -3.46 -26.59
CA LYS B 51 -2.00 -3.40 -25.84
C LYS B 51 -1.75 -3.62 -24.35
N VAL B 52 -1.02 -4.70 -24.05
CA VAL B 52 -0.75 -5.06 -22.68
C VAL B 52 -0.06 -3.88 -21.99
N ASN B 53 0.99 -3.35 -22.61
CA ASN B 53 1.72 -2.23 -22.02
C ASN B 53 0.83 -0.99 -21.91
N SER B 54 0.00 -0.74 -22.93
CA SER B 54 -0.99 0.35 -22.86
C SER B 54 -1.91 0.17 -21.65
N ILE B 55 -2.39 -1.05 -21.43
CA ILE B 55 -3.22 -1.38 -20.28
C ILE B 55 -2.47 -1.15 -18.97
N ILE B 56 -1.31 -1.79 -18.82
CA ILE B 56 -0.47 -1.64 -17.64
C ILE B 56 -0.19 -0.16 -17.34
N ASP B 57 0.07 0.62 -18.39
CA ASP B 57 0.51 2.01 -18.24
C ASP B 57 -0.62 2.95 -17.82
N LYS B 58 -1.81 2.76 -18.37
CA LYS B 58 -2.97 3.58 -18.00
C LYS B 58 -3.38 3.40 -16.55
N MET B 59 -3.21 2.18 -16.04
CA MET B 59 -3.58 1.85 -14.66
C MET B 59 -2.50 2.27 -13.66
N ASN B 60 -1.31 2.63 -14.15
CA ASN B 60 -0.19 3.05 -13.30
C ASN B 60 -0.49 4.27 -12.40
N THR B 61 -1.20 5.24 -12.93
CA THR B 61 -1.71 6.36 -12.12
C THR B 61 -3.06 5.96 -11.57
N GLN B 62 -3.13 5.75 -10.27
CA GLN B 62 -4.33 5.24 -9.63
C GLN B 62 -4.29 5.48 -8.12
N PHE B 63 -5.47 5.61 -7.52
CA PHE B 63 -5.64 5.96 -6.11
C PHE B 63 -4.82 5.09 -5.14
N GLU B 64 -4.26 5.75 -4.12
CA GLU B 64 -3.53 5.06 -3.05
C GLU B 64 -4.12 5.48 -1.70
N ALA B 65 -4.34 4.50 -0.83
CA ALA B 65 -4.91 4.76 0.49
C ALA B 65 -3.83 5.12 1.51
N VAL B 66 -4.19 6.00 2.44
CA VAL B 66 -3.29 6.44 3.52
C VAL B 66 -3.93 6.12 4.87
N GLY B 67 -3.11 5.95 5.89
CA GLY B 67 -3.59 5.75 7.26
C GLY B 67 -4.09 7.05 7.86
N ARG B 68 -5.33 7.03 8.34
CA ARG B 68 -5.95 8.19 8.98
C ARG B 68 -6.80 7.71 10.16
N GLU B 69 -6.51 8.22 11.34
CA GLU B 69 -7.19 7.78 12.56
C GLU B 69 -8.02 8.91 13.15
N PHE B 70 -9.11 8.55 13.81
CA PHE B 70 -10.06 9.49 14.36
C PHE B 70 -10.56 9.02 15.72
N ASN B 71 -10.92 9.95 16.59
CA ASN B 71 -11.32 9.59 17.96
C ASN B 71 -12.80 9.26 18.01
N ASN B 72 -13.32 9.04 19.22
CA ASN B 72 -14.68 8.55 19.40
C ASN B 72 -15.79 9.55 19.08
N LEU B 73 -15.46 10.84 19.06
CA LEU B 73 -16.40 11.89 18.66
C LEU B 73 -15.95 12.55 17.36
N GLU B 74 -15.39 11.74 16.47
CA GLU B 74 -15.10 12.16 15.09
C GLU B 74 -15.59 11.07 14.15
N ARG B 75 -16.75 10.48 14.49
CA ARG B 75 -17.28 9.36 13.74
C ARG B 75 -17.73 9.77 12.35
N ARG B 76 -18.30 10.96 12.23
CA ARG B 76 -18.79 11.41 10.94
C ARG B 76 -17.67 11.47 9.90
N ILE B 77 -16.57 12.14 10.23
CA ILE B 77 -15.46 12.27 9.29
C ILE B 77 -14.64 10.98 9.14
N GLU B 78 -14.67 10.13 10.15
CA GLU B 78 -14.11 8.80 9.99
C GLU B 78 -14.89 8.04 8.92
N ASN B 79 -16.22 8.13 9.01
CA ASN B 79 -17.09 7.43 8.08
C ASN B 79 -16.91 7.98 6.67
N LEU B 80 -16.84 9.31 6.58
CA LEU B 80 -16.57 9.99 5.32
C LEU B 80 -15.28 9.45 4.73
N ASN B 81 -14.24 9.38 5.55
CA ASN B 81 -12.94 8.90 5.10
C ASN B 81 -13.00 7.46 4.63
N LYS B 82 -13.81 6.64 5.29
CA LYS B 82 -13.95 5.25 4.91
C LYS B 82 -14.68 5.16 3.59
N LYS B 83 -15.82 5.84 3.48
CA LYS B 83 -16.60 5.87 2.23
C LYS B 83 -15.81 6.41 1.05
N MET B 84 -14.92 7.36 1.32
CA MET B 84 -14.08 7.92 0.27
C MET B 84 -13.04 6.91 -0.20
N GLU B 85 -12.33 6.27 0.73
CA GLU B 85 -11.29 5.33 0.34
C GLU B 85 -11.90 4.14 -0.40
N ASP B 86 -12.97 3.60 0.16
CA ASP B 86 -13.70 2.49 -0.47
C ASP B 86 -14.27 2.85 -1.84
N GLY B 87 -14.83 4.05 -1.94
CA GLY B 87 -15.42 4.50 -3.19
C GLY B 87 -14.45 4.42 -4.35
N PHE B 88 -13.23 4.88 -4.13
CA PHE B 88 -12.22 4.87 -5.17
C PHE B 88 -11.77 3.44 -5.52
N LEU B 89 -11.67 2.56 -4.53
CA LEU B 89 -11.32 1.16 -4.79
C LEU B 89 -12.35 0.48 -5.70
N ASP B 90 -13.63 0.72 -5.44
CA ASP B 90 -14.68 0.20 -6.29
C ASP B 90 -14.57 0.73 -7.72
N VAL B 91 -14.23 2.02 -7.85
CA VAL B 91 -14.09 2.65 -9.15
C VAL B 91 -12.94 2.02 -9.95
N TRP B 92 -11.80 1.87 -9.31
CA TRP B 92 -10.64 1.29 -9.98
C TRP B 92 -10.76 -0.21 -10.20
N THR B 93 -11.48 -0.89 -9.31
CA THR B 93 -11.71 -2.30 -9.47
C THR B 93 -12.59 -2.52 -10.69
N TYR B 94 -13.64 -1.72 -10.82
CA TYR B 94 -14.54 -1.75 -11.96
C TYR B 94 -13.76 -1.44 -13.24
N ASN B 95 -13.06 -0.33 -13.24
CA ASN B 95 -12.21 0.04 -14.38
C ASN B 95 -11.33 -1.11 -14.84
N ALA B 96 -10.60 -1.72 -13.91
CA ALA B 96 -9.67 -2.79 -14.26
C ALA B 96 -10.39 -4.02 -14.83
N GLU B 97 -11.46 -4.45 -14.17
CA GLU B 97 -12.15 -5.66 -14.56
C GLU B 97 -12.83 -5.49 -15.91
N LEU B 98 -13.36 -4.29 -16.16
CA LEU B 98 -14.07 -4.01 -17.41
C LEU B 98 -13.11 -3.89 -18.57
N LEU B 99 -11.98 -3.25 -18.35
CA LEU B 99 -10.98 -3.10 -19.39
C LEU B 99 -10.48 -4.49 -19.85
N VAL B 100 -10.19 -5.35 -18.88
CA VAL B 100 -9.77 -6.71 -19.20
C VAL B 100 -10.82 -7.45 -20.03
N LEU B 101 -12.09 -7.39 -19.62
CA LEU B 101 -13.17 -8.04 -20.36
C LEU B 101 -13.26 -7.51 -21.79
N MET B 102 -13.35 -6.20 -21.93
CA MET B 102 -13.51 -5.58 -23.22
C MET B 102 -12.35 -5.87 -24.15
N GLU B 103 -11.13 -5.77 -23.63
CA GLU B 103 -9.95 -5.94 -24.47
C GLU B 103 -9.67 -7.40 -24.78
N ASN B 104 -10.05 -8.30 -23.88
CA ASN B 104 -9.98 -9.72 -24.18
C ASN B 104 -10.85 -10.04 -25.38
N GLU B 105 -12.06 -9.51 -25.39
CA GLU B 105 -12.92 -9.69 -26.53
C GLU B 105 -12.28 -9.15 -27.80
N ARG B 106 -11.71 -7.94 -27.73
CA ARG B 106 -11.07 -7.37 -28.90
C ARG B 106 -9.85 -8.18 -29.36
N THR B 107 -9.08 -8.70 -28.41
CA THR B 107 -7.90 -9.50 -28.74
C THR B 107 -8.30 -10.78 -29.50
N LEU B 108 -9.32 -11.48 -29.04
CA LEU B 108 -9.76 -12.68 -29.73
C LEU B 108 -10.26 -12.37 -31.15
N ASP B 109 -11.05 -11.32 -31.29
CA ASP B 109 -11.53 -10.89 -32.61
C ASP B 109 -10.40 -10.44 -33.54
N PHE B 110 -9.34 -9.89 -32.97
CA PHE B 110 -8.20 -9.40 -33.74
C PHE B 110 -7.49 -10.56 -34.41
N HIS B 111 -7.30 -11.64 -33.67
CA HIS B 111 -6.76 -12.89 -34.21
C HIS B 111 -7.67 -13.48 -35.30
N ASP B 112 -8.98 -13.48 -35.04
CA ASP B 112 -9.95 -13.91 -36.04
C ASP B 112 -9.74 -13.08 -37.31
N SER B 113 -9.59 -11.77 -37.16
CA SER B 113 -9.44 -10.85 -38.28
C SER B 113 -8.17 -11.12 -39.09
N ASN B 114 -7.06 -11.32 -38.39
CA ASN B 114 -5.79 -11.60 -39.05
C ASN B 114 -5.85 -12.90 -39.88
N VAL B 115 -6.59 -13.90 -39.40
CA VAL B 115 -6.71 -15.16 -40.12
C VAL B 115 -7.57 -14.97 -41.37
N LYS B 116 -8.72 -14.34 -41.18
CA LYS B 116 -9.60 -14.00 -42.29
C LYS B 116 -8.87 -13.23 -43.39
N ASN B 117 -8.05 -12.26 -42.98
CA ASN B 117 -7.32 -11.44 -43.94
C ASN B 117 -6.25 -12.24 -44.68
N LEU B 118 -5.60 -13.15 -43.96
CA LEU B 118 -4.60 -14.00 -44.58
C LEU B 118 -5.26 -14.89 -45.61
N TYR B 119 -6.40 -15.47 -45.23
CA TYR B 119 -7.18 -16.30 -46.14
C TYR B 119 -7.58 -15.53 -47.41
N ASP B 120 -8.05 -14.30 -47.25
CA ASP B 120 -8.48 -13.53 -48.40
C ASP B 120 -7.29 -13.17 -49.30
N LYS B 121 -6.16 -12.87 -48.67
CA LYS B 121 -4.92 -12.60 -49.39
C LYS B 121 -4.61 -13.72 -50.38
N VAL B 122 -4.66 -14.97 -49.93
CA VAL B 122 -4.42 -16.11 -50.78
C VAL B 122 -5.53 -16.29 -51.82
N ARG B 123 -6.78 -16.19 -51.39
CA ARG B 123 -7.91 -16.30 -52.31
C ARG B 123 -7.75 -15.35 -53.49
N LEU B 124 -7.39 -14.09 -53.21
CA LEU B 124 -7.23 -13.05 -54.23
C LEU B 124 -6.09 -13.30 -55.22
N GLN B 125 -5.13 -14.14 -54.85
CA GLN B 125 -4.05 -14.54 -55.76
C GLN B 125 -4.49 -15.67 -56.66
N LEU B 126 -4.97 -16.74 -56.03
CA LEU B 126 -5.36 -17.95 -56.76
C LEU B 126 -6.54 -17.69 -57.68
N ARG B 127 -7.47 -16.83 -57.27
CA ARG B 127 -8.62 -16.47 -58.11
C ARG B 127 -9.31 -17.76 -58.63
N ASP B 128 -9.39 -17.95 -59.95
CA ASP B 128 -10.06 -19.13 -60.50
C ASP B 128 -9.10 -20.27 -60.93
N ASN B 129 -7.85 -20.23 -60.46
CA ASN B 129 -6.91 -21.33 -60.67
C ASN B 129 -6.98 -22.42 -59.59
N ALA B 130 -8.00 -22.35 -58.72
CA ALA B 130 -8.17 -23.35 -57.65
C ALA B 130 -9.61 -23.39 -57.14
N LYS B 131 -10.07 -24.56 -56.70
CA LYS B 131 -11.39 -24.68 -56.05
C LYS B 131 -11.33 -24.19 -54.61
N GLU B 132 -12.17 -23.21 -54.29
CA GLU B 132 -12.34 -22.82 -52.90
C GLU B 132 -13.20 -23.89 -52.22
N LEU B 133 -12.60 -24.66 -51.33
CA LEU B 133 -13.27 -25.84 -50.74
C LEU B 133 -14.28 -25.52 -49.64
N GLY B 134 -14.17 -24.35 -49.02
CA GLY B 134 -15.11 -23.92 -47.98
C GLY B 134 -14.66 -24.18 -46.55
N ASN B 135 -13.41 -24.65 -46.38
CA ASN B 135 -12.89 -25.02 -45.07
C ASN B 135 -11.51 -24.44 -44.77
N GLY B 136 -11.14 -23.41 -45.54
CA GLY B 136 -9.81 -22.81 -45.43
C GLY B 136 -8.82 -23.31 -46.47
N CYS B 137 -9.21 -24.31 -47.27
CA CYS B 137 -8.29 -24.93 -48.21
C CYS B 137 -8.62 -24.58 -49.64
N PHE B 138 -7.59 -24.61 -50.48
CA PHE B 138 -7.72 -24.39 -51.91
C PHE B 138 -7.14 -25.58 -52.65
N GLU B 139 -7.94 -26.20 -53.51
CA GLU B 139 -7.51 -27.31 -54.33
C GLU B 139 -7.15 -26.79 -55.72
N PHE B 140 -5.88 -26.98 -56.12
CA PHE B 140 -5.39 -26.45 -57.38
C PHE B 140 -5.87 -27.26 -58.59
N TYR B 141 -6.04 -26.59 -59.74
CA TYR B 141 -6.36 -27.29 -60.99
C TYR B 141 -5.11 -27.86 -61.61
N HIS B 142 -4.04 -27.08 -61.59
CA HIS B 142 -2.73 -27.56 -61.99
C HIS B 142 -2.05 -28.27 -60.82
N LYS B 143 -1.02 -29.05 -61.12
CA LYS B 143 -0.16 -29.55 -60.06
C LYS B 143 0.62 -28.36 -59.52
N CYS B 144 0.93 -28.41 -58.22
CA CYS B 144 1.59 -27.31 -57.54
C CYS B 144 2.67 -27.88 -56.63
N ASP B 145 3.91 -27.92 -57.14
CA ASP B 145 5.05 -28.43 -56.36
C ASP B 145 5.53 -27.39 -55.34
N ASN B 146 6.60 -27.69 -54.60
CA ASN B 146 7.01 -26.82 -53.48
C ASN B 146 7.39 -25.39 -53.89
N GLU B 147 7.93 -25.22 -55.10
CA GLU B 147 8.19 -23.87 -55.63
C GLU B 147 6.88 -23.12 -55.88
N CYS B 148 5.92 -23.83 -56.47
CA CYS B 148 4.59 -23.28 -56.68
C CYS B 148 3.94 -22.91 -55.34
N MET B 149 3.98 -23.84 -54.38
CA MET B 149 3.48 -23.58 -53.03
C MET B 149 4.17 -22.38 -52.41
N GLU B 150 5.49 -22.35 -52.49
CA GLU B 150 6.26 -21.23 -51.95
C GLU B 150 5.82 -19.91 -52.58
N SER B 151 5.53 -19.93 -53.87
CA SER B 151 5.16 -18.71 -54.59
C SER B 151 3.83 -18.16 -54.10
N VAL B 152 2.97 -19.03 -53.59
CA VAL B 152 1.70 -18.61 -52.99
C VAL B 152 1.95 -17.95 -51.62
N ARG B 153 2.83 -18.54 -50.82
CA ARG B 153 3.21 -17.95 -49.55
C ARG B 153 3.97 -16.64 -49.76
N ASN B 154 4.77 -16.58 -50.82
CA ASN B 154 5.47 -15.36 -51.24
C ASN B 154 4.52 -14.17 -51.38
N GLY B 155 3.47 -14.38 -52.17
CA GLY B 155 2.68 -13.30 -52.75
C GLY B 155 2.92 -13.23 -54.24
N THR B 156 3.82 -14.08 -54.74
CA THR B 156 4.31 -14.02 -56.11
C THR B 156 3.60 -15.02 -57.03
N TYR B 157 2.58 -15.70 -56.54
CA TYR B 157 1.92 -16.75 -57.34
C TYR B 157 1.57 -16.21 -58.71
N ASP B 158 2.31 -16.66 -59.72
CA ASP B 158 2.15 -16.16 -61.07
C ASP B 158 0.87 -16.74 -61.68
N TYR B 159 -0.23 -16.01 -61.51
CA TYR B 159 -1.54 -16.47 -61.93
C TYR B 159 -1.59 -16.82 -63.42
N PRO B 160 -1.14 -15.90 -64.30
CA PRO B 160 -1.21 -16.18 -65.75
C PRO B 160 -0.40 -17.41 -66.18
N GLN B 161 0.72 -17.68 -65.50
CA GLN B 161 1.58 -18.84 -65.78
C GLN B 161 0.78 -20.14 -65.68
N TYR B 162 -0.19 -20.17 -64.77
CA TYR B 162 -1.11 -21.29 -64.64
C TYR B 162 -2.52 -20.83 -65.03
C1 NAG C . -15.79 -20.64 -14.99
C2 NAG C . -17.15 -20.84 -14.31
C3 NAG C . -17.08 -20.76 -12.78
C4 NAG C . -15.85 -21.48 -12.21
C5 NAG C . -14.61 -20.94 -12.93
C6 NAG C . -13.28 -21.43 -12.35
C7 NAG C . -19.02 -20.12 -15.74
C8 NAG C . -19.94 -19.00 -16.14
N2 NAG C . -18.09 -19.86 -14.80
O3 NAG C . -18.24 -21.33 -12.21
O4 NAG C . -15.83 -21.19 -10.82
O5 NAG C . -14.74 -21.29 -14.29
O6 NAG C . -12.98 -22.73 -12.81
O7 NAG C . -19.14 -21.23 -16.27
C1 NAG C . -15.65 -22.39 -10.03
C2 NAG C . -15.42 -21.97 -8.57
C3 NAG C . -15.53 -23.13 -7.57
C4 NAG C . -16.64 -24.12 -7.93
C5 NAG C . -16.53 -24.47 -9.42
C6 NAG C . -17.54 -25.53 -9.86
C7 NAG C . -13.94 -20.00 -8.59
C8 NAG C . -12.54 -19.48 -8.43
N2 NAG C . -14.11 -21.32 -8.44
O3 NAG C . -15.78 -22.63 -6.27
O4 NAG C . -16.52 -25.29 -7.15
O5 NAG C . -16.75 -23.28 -10.13
O6 NAG C . -18.84 -25.10 -9.54
O7 NAG C . -14.84 -19.22 -8.84
C1 NAG D . 16.75 32.25 21.39
C2 NAG D . 15.84 33.45 21.16
C3 NAG D . 16.23 34.14 19.87
C4 NAG D . 17.69 34.54 19.95
C5 NAG D . 18.58 33.33 20.19
C6 NAG D . 20.04 33.70 20.46
C7 NAG D . 13.47 33.94 21.39
C8 NAG D . 12.04 33.45 21.33
N2 NAG D . 14.45 33.06 21.14
O3 NAG D . 15.44 35.28 19.63
O4 NAG D . 17.99 35.16 18.73
O5 NAG D . 18.12 32.60 21.31
O6 NAG D . 20.74 32.73 21.22
O7 NAG D . 13.66 35.12 21.67
C1 NAG D . 18.85 36.30 18.88
C2 NAG D . 19.42 36.57 17.51
C3 NAG D . 20.41 37.71 17.58
C4 NAG D . 19.85 38.93 18.34
C5 NAG D . 19.12 38.50 19.62
C6 NAG D . 18.40 39.68 20.27
C7 NAG D . 19.52 34.58 16.07
C8 NAG D . 20.32 33.39 15.63
N2 NAG D . 20.07 35.38 16.98
O3 NAG D . 20.70 38.00 16.24
O4 NAG D . 20.87 39.84 18.73
O5 NAG D . 18.20 37.46 19.35
O6 NAG D . 17.69 39.22 21.39
O7 NAG D . 18.40 34.76 15.58
C1 MAN D . 21.56 40.51 17.65
C2 MAN D . 21.42 42.02 17.83
C3 MAN D . 21.55 42.72 16.48
C4 MAN D . 22.52 41.96 15.56
C5 MAN D . 21.95 40.58 15.26
C6 MAN D . 23.04 39.54 15.02
O2 MAN D . 22.42 42.48 18.75
O3 MAN D . 21.99 44.07 16.66
O4 MAN D . 22.73 42.66 14.32
O5 MAN D . 21.09 40.16 16.34
O6 MAN D . 23.75 39.77 13.79
C1 BMA D . 21.35 44.95 15.72
C2 BMA D . 20.03 45.45 16.32
C3 BMA D . 19.35 46.37 15.31
C4 BMA D . 20.31 47.44 14.82
C5 BMA D . 21.64 46.83 14.33
C6 BMA D . 22.67 47.90 13.92
O2 BMA D . 20.28 46.14 17.53
O3 BMA D . 18.23 46.99 15.91
O4 BMA D . 19.71 48.22 13.82
O5 BMA D . 22.19 46.03 15.37
O6 BMA D . 23.67 48.06 14.91
C1 MAN D . 22.98 39.72 12.57
C2 MAN D . 22.05 38.51 12.45
C3 MAN D . 22.88 37.23 12.43
C4 MAN D . 23.94 37.30 11.34
C5 MAN D . 24.71 38.61 11.40
C6 MAN D . 25.62 38.82 10.19
O2 MAN D . 21.32 38.61 11.25
O3 MAN D . 22.04 36.11 12.23
O4 MAN D . 24.82 36.20 11.49
O5 MAN D . 23.82 39.71 11.45
O6 MAN D . 26.03 37.58 9.64
C1 NAG E . 9.61 -16.60 -53.72
C2 NAG E . 10.69 -15.72 -54.36
C3 NAG E . 11.16 -16.15 -55.76
C4 NAG E . 11.02 -17.65 -55.99
C5 NAG E . 9.62 -18.07 -55.59
C6 NAG E . 9.26 -19.49 -56.00
C7 NAG E . 10.19 -13.55 -53.33
C8 NAG E . 9.74 -12.13 -53.54
N2 NAG E . 10.28 -14.32 -54.42
O3 NAG E . 12.50 -15.76 -55.97
O4 NAG E . 11.34 -17.96 -57.34
O5 NAG E . 9.58 -17.93 -54.18
O6 NAG E . 10.13 -20.41 -55.37
O7 NAG E . 10.44 -13.95 -52.19
C1 NAG E . 12.48 -18.85 -57.42
C2 NAG E . 12.76 -19.17 -58.89
C3 NAG E . 14.12 -19.85 -59.10
C4 NAG E . 15.24 -19.27 -58.21
C5 NAG E . 14.73 -19.19 -56.78
C6 NAG E . 15.78 -18.69 -55.78
C7 NAG E . 10.53 -19.50 -59.86
C8 NAG E . 9.54 -20.48 -60.42
N2 NAG E . 11.70 -19.99 -59.45
O3 NAG E . 14.48 -19.75 -60.46
O4 NAG E . 16.42 -20.07 -58.29
O5 NAG E . 13.62 -18.31 -56.78
O6 NAG E . 16.08 -17.35 -56.05
O7 NAG E . 10.24 -18.31 -59.80
C1 BMA E . 17.34 -19.64 -59.33
C2 BMA E . 18.77 -19.61 -58.77
C3 BMA E . 19.75 -19.10 -59.81
C4 BMA E . 19.58 -19.81 -61.15
C5 BMA E . 18.11 -19.95 -61.57
C6 BMA E . 17.99 -20.84 -62.80
O2 BMA E . 19.14 -20.93 -58.35
O3 BMA E . 21.09 -19.27 -59.34
O4 BMA E . 20.28 -19.08 -62.16
O5 BMA E . 17.34 -20.48 -60.48
O6 BMA E . 16.61 -21.06 -63.13
C1 NAG F . 2.28 -29.31 -23.39
C2 NAG F . 2.84 -30.16 -22.25
C3 NAG F . 4.32 -29.88 -21.94
C4 NAG F . 5.17 -29.71 -23.20
C5 NAG F . 4.45 -28.81 -24.21
C6 NAG F . 5.23 -28.68 -25.51
C7 NAG F . 1.06 -30.79 -20.68
C8 NAG F . 0.33 -30.48 -19.40
N2 NAG F . 2.05 -29.98 -21.03
O3 NAG F . 4.86 -30.93 -21.18
O4 NAG F . 6.42 -29.15 -22.83
O5 NAG F . 3.17 -29.36 -24.48
O6 NAG F . 5.55 -27.32 -25.73
O7 NAG F . 0.71 -31.77 -21.33
C1 NAG G . 11.77 -11.80 -5.75
C2 NAG G . 13.11 -11.96 -5.02
C3 NAG G . 14.20 -12.63 -5.85
C4 NAG G . 13.65 -13.85 -6.59
C5 NAG G . 12.44 -13.41 -7.41
C6 NAG G . 11.86 -14.55 -8.27
C7 NAG G . 13.71 -10.38 -3.21
C8 NAG G . 14.21 -9.02 -2.84
N2 NAG G . 13.59 -10.67 -4.52
O3 NAG G . 15.27 -13.00 -5.01
O4 NAG G . 14.65 -14.42 -7.42
O5 NAG G . 11.44 -12.95 -6.52
O6 NAG G . 10.76 -14.07 -9.01
O7 NAG G . 13.41 -11.18 -2.31
S1 MPO H . -0.23 5.84 43.89
O1 MPO H . -0.41 6.23 42.52
O2 MPO H . 1.16 5.77 44.21
O4 MPO H . 3.90 11.27 45.10
N1 MPO H . 1.94 9.22 45.03
C1 MPO H . -1.00 6.97 44.85
O3 MPO H . -0.90 4.36 44.13
C2 MPO H . -0.34 8.34 44.68
C3 MPO H . 0.78 8.57 45.69
C4 MPO H . 3.09 9.14 45.94
C5 MPO H . 4.28 9.92 45.39
C6 MPO H . 2.85 11.33 44.14
C7 MPO H . 1.62 10.62 44.71
S1 MPO I . -5.14 -29.91 -42.23
O1 MPO I . -6.12 -29.95 -41.17
O2 MPO I . -4.73 -31.26 -42.50
O4 MPO I . -10.99 -30.63 -43.54
N1 MPO I . -8.61 -29.88 -42.47
C1 MPO I . -5.79 -29.21 -43.59
O3 MPO I . -3.83 -29.05 -41.76
C2 MPO I . -6.94 -28.27 -43.24
C3 MPO I . -8.30 -28.88 -43.52
C4 MPO I . -8.68 -31.26 -43.02
C5 MPO I . -9.92 -31.49 -43.90
C6 MPO I . -11.04 -30.35 -42.15
C7 MPO I . -9.83 -29.54 -41.70
#